data_3HR0
#
_entry.id   3HR0
#
_cell.length_a   87.114
_cell.length_b   87.114
_cell.length_c   214.773
_cell.angle_alpha   90.000
_cell.angle_beta   90.000
_cell.angle_gamma   120.000
#
_symmetry.space_group_name_H-M   'P 32 2 1'
#
loop_
_entity.id
_entity.type
_entity.pdbx_description
1 polymer CoG4
2 water water
#
_entity_poly.entity_id   1
_entity_poly.type   'polypeptide(L)'
_entity_poly.pdbx_seq_one_letter_code
;GSQQGKFDTKGIESTDEAKMSFLVTLNNVEVCSENISTLKKTLESDCTKLFSQGIGGEQAQAKFDSCLSDLAAVSNKFRD
LLQEGLTELNSTAIKPQVQPWINSFFSVSHNIEEEEFNDYEANDPWVQQFILNLEQQMAEFKASLSPVIYDSLTGLMTSL
VAVELEKVVLKSTFNRLGGLQFDKELRSLIAYLTTVTTWTIRDKFARLSQMATILNLERVTEILDYWGPNSGPLTWRLTP
AEVRQVLALRIDFRSEDIKRLRL
;
_entity_poly.pdbx_strand_id   A,B
#
# COMPACT_ATOMS: atom_id res chain seq x y z
N SER A 14 -7.03 -12.79 31.25
CA SER A 14 -7.31 -11.83 30.21
C SER A 14 -6.39 -10.66 29.95
N THR A 15 -5.95 -9.90 30.95
CA THR A 15 -5.18 -8.72 30.52
C THR A 15 -3.81 -9.09 29.92
N ASP A 16 -3.15 -10.15 30.40
CA ASP A 16 -1.92 -10.64 29.74
C ASP A 16 -2.18 -11.08 28.30
N GLU A 17 -3.31 -11.77 28.08
CA GLU A 17 -3.61 -12.25 26.73
C GLU A 17 -4.05 -11.10 25.82
N ALA A 18 -4.74 -10.10 26.36
CA ALA A 18 -5.09 -8.91 25.58
C ALA A 18 -3.81 -8.18 25.15
N LYS A 19 -2.89 -8.04 26.09
CA LYS A 19 -1.62 -7.36 25.84
C LYS A 19 -0.85 -8.07 24.72
N MET A 20 -0.71 -9.39 24.83
CA MET A 20 0.05 -10.18 23.85
C MET A 20 -0.66 -10.27 22.51
N SER A 21 -1.98 -10.36 22.52
CA SER A 21 -2.74 -10.32 21.27
C SER A 21 -2.49 -9.00 20.52
N PHE A 22 -2.56 -7.87 21.24
CA PHE A 22 -2.22 -6.57 20.66
C PHE A 22 -0.81 -6.53 20.04
N LEU A 23 0.19 -6.98 20.80
CA LEU A 23 1.57 -6.96 20.33
C LEU A 23 1.82 -7.85 19.12
N VAL A 24 1.27 -9.06 19.16
CA VAL A 24 1.43 -10.01 18.06
C VAL A 24 0.72 -9.48 16.81
N THR A 25 -0.41 -8.81 17.02
CA THR A 25 -1.15 -8.24 15.87
C THR A 25 -0.35 -7.07 15.29
N LEU A 26 0.14 -6.18 16.16
CA LEU A 26 0.94 -5.05 15.69
C LEU A 26 2.21 -5.54 14.98
N ASN A 27 2.80 -6.63 15.49
CA ASN A 27 3.95 -7.22 14.82
C ASN A 27 3.62 -7.70 13.41
N ASN A 28 2.44 -8.28 13.25
CA ASN A 28 1.98 -8.63 11.90
C ASN A 28 1.80 -7.41 10.98
N VAL A 29 1.31 -6.31 11.53
CA VAL A 29 1.23 -5.05 10.77
C VAL A 29 2.63 -4.64 10.28
N GLU A 30 3.63 -4.76 11.16
CA GLU A 30 5.03 -4.51 10.78
C GLU A 30 5.51 -5.40 9.62
N VAL A 31 5.21 -6.70 9.69
CA VAL A 31 5.54 -7.64 8.60
C VAL A 31 4.89 -7.21 7.26
N CYS A 32 3.59 -6.90 7.31
CA CYS A 32 2.90 -6.30 6.16
C CYS A 32 3.55 -5.03 5.60
N SER A 33 3.92 -4.08 6.49
CA SER A 33 4.52 -2.83 6.02
C SER A 33 5.88 -3.05 5.37
N GLU A 34 6.67 -3.97 5.91
CA GLU A 34 7.93 -4.36 5.27
C GLU A 34 7.68 -4.95 3.88
N ASN A 35 6.61 -5.74 3.75
CA ASN A 35 6.23 -6.32 2.45
C ASN A 35 5.84 -5.21 1.44
N ILE A 36 5.11 -4.19 1.92
CA ILE A 36 4.78 -3.04 1.09
C ILE A 36 6.07 -2.35 0.58
N SER A 37 7.03 -2.16 1.48
CA SER A 37 8.31 -1.57 1.10
C SER A 37 9.06 -2.38 0.04
N THR A 38 9.06 -3.70 0.16
CA THR A 38 9.75 -4.53 -0.84
C THR A 38 9.03 -4.49 -2.17
N LEU A 39 7.70 -4.45 -2.14
CA LEU A 39 6.91 -4.29 -3.36
C LEU A 39 7.20 -2.94 -4.00
N LYS A 40 7.24 -1.87 -3.21
CA LYS A 40 7.57 -0.55 -3.75
C LYS A 40 8.92 -0.57 -4.51
N LYS A 41 9.91 -1.27 -3.95
CA LYS A 41 11.23 -1.39 -4.60
C LYS A 41 11.16 -2.13 -5.94
N THR A 42 10.44 -3.23 -5.98
CA THR A 42 10.20 -3.95 -7.24
C THR A 42 9.51 -3.05 -8.25
N LEU A 43 8.53 -2.28 -7.79
CA LEU A 43 7.73 -1.39 -8.64
C LEU A 43 8.55 -0.21 -9.19
N GLU A 44 9.49 0.29 -8.38
CA GLU A 44 10.42 1.32 -8.85
C GLU A 44 11.26 0.81 -10.02
N SER A 45 11.70 -0.44 -9.92
CA SER A 45 12.49 -1.08 -10.98
C SER A 45 11.64 -1.34 -12.21
N ASP A 46 10.41 -1.80 -12.00
CA ASP A 46 9.44 -1.93 -13.09
C ASP A 46 9.24 -0.62 -13.83
N CYS A 47 9.05 0.49 -13.10
CA CYS A 47 8.80 1.78 -13.75
C CYS A 47 9.97 2.14 -14.69
N THR A 48 11.19 2.01 -14.18
CA THR A 48 12.37 2.24 -15.04
C THR A 48 12.39 1.34 -16.27
N LYS A 49 12.21 0.04 -16.06
CA LYS A 49 12.23 -0.92 -17.16
C LYS A 49 11.12 -0.62 -18.18
N LEU A 50 9.93 -0.27 -17.69
CA LEU A 50 8.80 -0.04 -18.59
C LEU A 50 9.07 1.01 -19.66
N PHE A 51 9.71 2.12 -19.29
CA PHE A 51 9.94 3.22 -20.21
C PHE A 51 11.30 3.18 -20.92
N SER A 52 12.05 2.10 -20.71
CA SER A 52 13.47 2.04 -21.13
C SER A 52 13.69 1.80 -22.62
N GLN A 53 12.65 1.36 -23.33
CA GLN A 53 12.77 1.00 -24.74
C GLN A 53 11.86 1.81 -25.68
N GLY A 54 11.54 3.03 -25.29
CA GLY A 54 10.85 3.97 -26.18
C GLY A 54 9.34 3.79 -26.32
N ILE A 55 8.76 2.86 -25.57
CA ILE A 55 7.28 2.70 -25.48
C ILE A 55 6.81 3.32 -24.15
N GLY A 56 5.62 3.92 -24.17
CA GLY A 56 5.03 4.51 -22.98
C GLY A 56 4.87 6.01 -23.14
N GLY A 57 3.70 6.50 -22.77
CA GLY A 57 3.36 7.89 -22.96
C GLY A 57 3.24 8.68 -21.68
N GLU A 58 2.71 9.89 -21.81
CA GLU A 58 2.66 10.86 -20.72
C GLU A 58 1.79 10.31 -19.59
N GLN A 59 0.64 9.76 -19.97
CA GLN A 59 -0.30 9.25 -18.95
C GLN A 59 0.26 8.06 -18.17
N ALA A 60 0.90 7.09 -18.82
CA ALA A 60 1.43 5.96 -18.08
C ALA A 60 2.55 6.40 -17.11
N GLN A 61 3.40 7.31 -17.58
CA GLN A 61 4.50 7.84 -16.75
C GLN A 61 3.98 8.58 -15.51
N ALA A 62 3.05 9.52 -15.73
CA ALA A 62 2.43 10.30 -14.66
C ALA A 62 1.72 9.38 -13.65
N LYS A 63 0.99 8.39 -14.15
CA LYS A 63 0.27 7.46 -13.24
C LYS A 63 1.23 6.61 -12.41
N PHE A 64 2.28 6.12 -13.06
CA PHE A 64 3.22 5.27 -12.35
C PHE A 64 3.93 6.13 -11.28
N ASP A 65 4.34 7.35 -11.65
CA ASP A 65 5.03 8.21 -10.67
C ASP A 65 4.12 8.50 -9.47
N SER A 66 2.85 8.75 -9.77
CA SER A 66 1.86 9.00 -8.72
C SER A 66 1.67 7.78 -7.82
N CYS A 67 1.58 6.59 -8.40
CA CYS A 67 1.45 5.36 -7.63
C CYS A 67 2.62 5.19 -6.66
N LEU A 68 3.84 5.41 -7.16
CA LEU A 68 5.02 5.26 -6.31
C LEU A 68 5.09 6.30 -5.18
N SER A 69 4.72 7.55 -5.47
CA SER A 69 4.67 8.61 -4.47
C SER A 69 3.66 8.23 -3.39
N ASP A 70 2.53 7.64 -3.80
CA ASP A 70 1.51 7.20 -2.85
C ASP A 70 1.99 6.07 -1.94
N LEU A 71 2.78 5.17 -2.49
CA LEU A 71 3.32 4.08 -1.69
C LEU A 71 4.35 4.60 -0.70
N ALA A 72 5.14 5.58 -1.12
CA ALA A 72 6.05 6.31 -0.20
C ALA A 72 5.27 6.94 0.97
N ALA A 73 4.19 7.66 0.67
CA ALA A 73 3.37 8.31 1.67
C ALA A 73 2.77 7.29 2.67
N VAL A 74 2.26 6.17 2.15
CA VAL A 74 1.60 5.20 3.04
C VAL A 74 2.61 4.43 3.90
N SER A 75 3.83 4.23 3.38
CA SER A 75 4.90 3.63 4.21
C SER A 75 5.24 4.49 5.41
N ASN A 76 5.23 5.81 5.23
CA ASN A 76 5.39 6.73 6.35
C ASN A 76 4.23 6.60 7.34
N LYS A 77 3.02 6.48 6.83
CA LYS A 77 1.86 6.36 7.70
C LYS A 77 1.90 5.06 8.50
N PHE A 78 2.38 3.98 7.87
CA PHE A 78 2.52 2.70 8.58
C PHE A 78 3.52 2.75 9.73
N ARG A 79 4.63 3.42 9.50
CA ARG A 79 5.62 3.63 10.58
C ARG A 79 5.01 4.40 11.76
N ASP A 80 4.25 5.46 11.45
CA ASP A 80 3.54 6.31 12.42
C ASP A 80 2.54 5.46 13.23
N LEU A 81 1.77 4.64 12.52
CA LEU A 81 0.81 3.72 13.15
C LEU A 81 1.49 2.76 14.13
N LEU A 82 2.60 2.17 13.70
CA LEU A 82 3.32 1.23 14.53
C LEU A 82 3.82 1.87 15.83
N GLN A 83 4.38 3.07 15.71
CA GLN A 83 4.88 3.81 16.87
C GLN A 83 3.73 4.22 17.77
N GLU A 84 2.63 4.67 17.18
CA GLU A 84 1.44 5.00 17.97
C GLU A 84 0.93 3.77 18.76
N GLY A 85 0.82 2.65 18.05
CA GLY A 85 0.41 1.40 18.65
C GLY A 85 1.29 1.04 19.84
N LEU A 86 2.60 1.10 19.65
CA LEU A 86 3.51 0.68 20.73
C LEU A 86 3.47 1.59 21.94
N THR A 87 3.38 2.91 21.72
CA THR A 87 3.30 3.85 22.82
C THR A 87 1.98 3.70 23.60
N GLU A 88 0.87 3.43 22.90
CA GLU A 88 -0.40 3.17 23.58
C GLU A 88 -0.37 1.86 24.36
N LEU A 89 0.21 0.81 23.79
CA LEU A 89 0.36 -0.46 24.49
C LEU A 89 1.17 -0.26 25.79
N ASN A 90 2.33 0.40 25.65
CA ASN A 90 3.16 0.73 26.81
C ASN A 90 2.34 1.46 27.90
N SER A 91 1.62 2.52 27.54
CA SER A 91 0.83 3.28 28.50
C SER A 91 -0.32 2.46 29.09
N THR A 92 -0.95 1.62 28.27
CA THR A 92 -2.17 0.91 28.67
C THR A 92 -1.90 -0.36 29.46
N ALA A 93 -0.93 -1.16 29.01
CA ALA A 93 -0.75 -2.51 29.51
C ALA A 93 0.52 -2.66 30.34
N ILE A 94 1.50 -1.80 30.10
CA ILE A 94 2.80 -1.94 30.76
C ILE A 94 2.92 -1.05 31.98
N LYS A 95 2.62 0.24 31.81
CA LYS A 95 2.67 1.20 32.90
C LYS A 95 1.90 0.75 34.16
N PRO A 96 0.66 0.21 34.00
CA PRO A 96 -0.08 -0.25 35.19
C PRO A 96 0.56 -1.42 35.95
N GLN A 97 1.36 -2.26 35.28
CA GLN A 97 2.13 -3.30 35.97
C GLN A 97 3.37 -2.70 36.62
N VAL A 98 4.07 -1.86 35.86
CA VAL A 98 5.38 -1.33 36.27
C VAL A 98 5.29 -0.29 37.37
N GLN A 99 4.29 0.59 37.32
CA GLN A 99 4.13 1.65 38.32
C GLN A 99 4.09 1.16 39.78
N PRO A 100 3.24 0.15 40.09
CA PRO A 100 3.25 -0.45 41.44
C PRO A 100 4.62 -1.00 41.85
N TRP A 101 5.32 -1.65 40.93
CA TRP A 101 6.65 -2.22 41.22
C TRP A 101 7.63 -1.13 41.60
N ILE A 102 7.57 -0.01 40.90
CA ILE A 102 8.44 1.14 41.18
C ILE A 102 8.02 1.85 42.46
N ASN A 103 6.70 2.07 42.64
CA ASN A 103 6.20 2.73 43.84
C ASN A 103 6.62 2.02 45.12
N SER A 104 6.86 0.72 45.03
CA SER A 104 7.34 -0.09 46.16
C SER A 104 8.64 0.41 46.76
N PHE A 105 9.43 1.12 45.95
CA PHE A 105 10.68 1.75 46.42
C PHE A 105 10.43 2.64 47.65
N PHE A 106 9.30 3.35 47.62
CA PHE A 106 8.92 4.25 48.70
C PHE A 106 8.83 3.58 50.08
N SER A 107 8.43 2.32 50.10
CA SER A 107 8.28 1.55 51.33
C SER A 107 9.56 0.95 51.87
N VAL A 108 10.65 1.12 51.13
CA VAL A 108 11.95 0.61 51.55
C VAL A 108 12.70 1.78 52.16
N SER A 109 13.02 1.72 53.45
CA SER A 109 13.74 2.84 54.07
C SER A 109 15.11 2.99 53.43
N HIS A 110 15.47 4.22 53.09
CA HIS A 110 16.80 4.60 52.67
C HIS A 110 17.41 5.60 53.66
N ASN A 111 16.87 5.58 54.87
CA ASN A 111 17.48 6.30 55.98
C ASN A 111 17.89 5.23 56.99
N ILE A 112 19.12 4.70 56.84
CA ILE A 112 19.47 3.41 57.43
C ILE A 112 20.83 3.43 58.14
N GLU A 113 21.00 2.48 59.04
CA GLU A 113 22.31 2.22 59.65
C GLU A 113 22.85 0.90 59.14
N GLU A 114 24.06 0.52 59.57
CA GLU A 114 24.70 -0.68 59.01
C GLU A 114 23.92 -1.93 59.26
N GLU A 115 23.21 -2.01 60.38
CA GLU A 115 22.46 -3.24 60.65
C GLU A 115 21.42 -3.48 59.55
N GLU A 116 20.68 -2.44 59.19
CA GLU A 116 19.73 -2.53 58.08
C GLU A 116 20.39 -2.68 56.71
N PHE A 117 21.47 -1.94 56.47
CA PHE A 117 22.24 -2.09 55.23
C PHE A 117 22.68 -3.54 55.07
N ASN A 118 23.15 -4.16 56.15
CA ASN A 118 23.55 -5.58 56.09
C ASN A 118 22.36 -6.51 55.88
N ASP A 119 21.21 -6.18 56.49
CA ASP A 119 19.95 -6.88 56.23
C ASP A 119 19.63 -6.88 54.74
N TYR A 120 19.74 -5.69 54.12
CA TYR A 120 19.49 -5.53 52.67
C TYR A 120 20.44 -6.33 51.80
N GLU A 121 21.70 -6.45 52.24
CA GLU A 121 22.67 -7.25 51.49
C GLU A 121 22.33 -8.74 51.52
N ALA A 122 21.86 -9.22 52.68
CA ALA A 122 21.48 -10.61 52.88
C ALA A 122 20.18 -10.92 52.14
N ASN A 123 19.24 -9.98 52.18
CA ASN A 123 17.95 -10.14 51.52
C ASN A 123 17.54 -8.84 50.86
N ASP A 124 17.75 -8.76 49.54
CA ASP A 124 17.52 -7.51 48.82
C ASP A 124 16.04 -7.08 48.94
N PRO A 125 15.80 -5.81 49.33
CA PRO A 125 14.42 -5.37 49.59
C PRO A 125 13.57 -4.93 48.40
N TRP A 126 14.17 -4.70 47.23
CA TRP A 126 13.42 -4.09 46.11
C TRP A 126 13.90 -4.43 44.70
N VAL A 127 15.14 -4.06 44.40
CA VAL A 127 15.58 -4.06 43.02
C VAL A 127 15.64 -5.47 42.39
N GLN A 128 15.97 -6.50 43.16
CA GLN A 128 16.17 -7.82 42.55
C GLN A 128 14.83 -8.39 42.09
N GLN A 129 13.79 -8.21 42.91
CA GLN A 129 12.44 -8.62 42.54
C GLN A 129 11.91 -7.75 41.39
N PHE A 130 12.19 -6.46 41.43
CA PHE A 130 11.82 -5.58 40.33
C PHE A 130 12.43 -6.07 39.00
N ILE A 131 13.72 -6.42 39.03
CA ILE A 131 14.40 -6.97 37.88
C ILE A 131 13.74 -8.27 37.40
N LEU A 132 13.45 -9.18 38.35
CA LEU A 132 12.73 -10.41 37.98
C LEU A 132 11.37 -10.13 37.28
N ASN A 133 10.62 -9.17 37.83
CA ASN A 133 9.31 -8.75 37.29
C ASN A 133 9.47 -8.23 35.86
N LEU A 134 10.48 -7.39 35.64
CA LEU A 134 10.79 -6.88 34.30
C LEU A 134 11.22 -7.98 33.32
N GLU A 135 12.11 -8.86 33.78
CA GLU A 135 12.62 -10.01 32.98
C GLU A 135 11.50 -10.88 32.43
N GLN A 136 10.49 -11.11 33.25
CA GLN A 136 9.39 -11.99 32.88
C GLN A 136 8.63 -11.35 31.70
N GLN A 137 8.41 -10.03 31.78
CA GLN A 137 7.83 -9.27 30.65
C GLN A 137 8.72 -9.24 29.43
N MET A 138 10.01 -8.91 29.61
CA MET A 138 10.93 -8.77 28.47
C MET A 138 11.02 -10.07 27.67
N ALA A 139 11.11 -11.18 28.39
CA ALA A 139 11.26 -12.50 27.76
C ALA A 139 9.99 -12.89 27.00
N GLU A 140 8.84 -12.53 27.55
CA GLU A 140 7.56 -12.73 26.88
C GLU A 140 7.55 -11.97 25.53
N PHE A 141 7.98 -10.71 25.54
CA PHE A 141 8.07 -9.88 24.32
C PHE A 141 9.10 -10.43 23.33
N LYS A 142 10.25 -10.85 23.84
CA LYS A 142 11.30 -11.29 22.94
C LYS A 142 10.93 -12.53 22.16
N ALA A 143 10.17 -13.42 22.78
CA ALA A 143 9.81 -14.69 22.15
C ALA A 143 8.77 -14.51 21.04
N SER A 144 7.98 -13.43 21.11
CA SER A 144 6.84 -13.24 20.19
C SER A 144 6.95 -12.13 19.14
N LEU A 145 8.00 -11.31 19.21
CA LEU A 145 8.07 -10.10 18.39
C LEU A 145 9.31 -10.07 17.53
N SER A 146 9.22 -9.35 16.40
CA SER A 146 10.35 -9.13 15.54
C SER A 146 11.33 -8.18 16.25
N PRO A 147 12.65 -8.30 15.95
CA PRO A 147 13.64 -7.39 16.54
C PRO A 147 13.26 -5.92 16.48
N VAL A 148 12.71 -5.45 15.37
CA VAL A 148 12.34 -4.04 15.23
C VAL A 148 11.29 -3.58 16.25
N ILE A 149 10.27 -4.41 16.47
CA ILE A 149 9.19 -4.08 17.39
C ILE A 149 9.67 -4.24 18.84
N TYR A 150 10.32 -5.35 19.12
CA TYR A 150 10.88 -5.62 20.44
C TYR A 150 11.82 -4.49 20.87
N ASP A 151 12.77 -4.09 20.01
CA ASP A 151 13.70 -2.99 20.34
C ASP A 151 13.01 -1.66 20.61
N SER A 152 12.02 -1.34 19.78
CA SER A 152 11.21 -0.15 19.97
C SER A 152 10.48 -0.20 21.33
N LEU A 153 9.88 -1.35 21.63
CA LEU A 153 9.14 -1.53 22.89
C LEU A 153 10.04 -1.43 24.11
N THR A 154 11.20 -2.11 24.08
CA THR A 154 12.12 -2.02 25.23
C THR A 154 12.64 -0.60 25.44
N GLY A 155 12.81 0.16 24.35
CA GLY A 155 13.22 1.58 24.46
C GLY A 155 12.17 2.39 25.20
N LEU A 156 10.90 2.18 24.84
CA LEU A 156 9.78 2.84 25.50
C LEU A 156 9.68 2.46 26.97
N MET A 157 9.88 1.18 27.25
CA MET A 157 9.88 0.67 28.63
C MET A 157 11.02 1.24 29.45
N THR A 158 12.21 1.31 28.85
CA THR A 158 13.37 1.87 29.57
C THR A 158 13.09 3.32 29.96
N SER A 159 12.53 4.11 29.03
CA SER A 159 12.19 5.50 29.34
C SER A 159 11.17 5.63 30.48
N LEU A 160 10.12 4.79 30.42
CA LEU A 160 9.09 4.74 31.45
C LEU A 160 9.67 4.45 32.85
N VAL A 161 10.53 3.45 32.95
CA VAL A 161 11.19 3.13 34.23
C VAL A 161 11.98 4.33 34.73
N ALA A 162 12.76 4.97 33.85
CA ALA A 162 13.54 6.15 34.27
C ALA A 162 12.66 7.28 34.80
N VAL A 163 11.55 7.58 34.10
CA VAL A 163 10.62 8.64 34.51
C VAL A 163 9.95 8.34 35.86
N GLU A 164 9.43 7.12 35.99
CA GLU A 164 8.72 6.75 37.21
C GLU A 164 9.65 6.55 38.41
N LEU A 165 10.86 6.04 38.19
CA LEU A 165 11.80 5.87 39.32
C LEU A 165 12.26 7.24 39.83
N GLU A 166 12.50 8.17 38.91
CA GLU A 166 12.81 9.54 39.32
C GLU A 166 11.74 10.13 40.26
N LYS A 167 10.46 9.99 39.89
CA LYS A 167 9.35 10.48 40.73
C LYS A 167 9.36 9.93 42.16
N VAL A 168 9.52 8.62 42.31
CA VAL A 168 9.51 7.99 43.64
C VAL A 168 10.77 8.34 44.46
N VAL A 169 11.91 8.43 43.78
CA VAL A 169 13.14 8.91 44.45
C VAL A 169 12.91 10.30 45.06
N LEU A 170 12.27 11.19 44.30
CA LEU A 170 12.03 12.57 44.77
C LEU A 170 11.03 12.65 45.93
N LYS A 171 10.34 11.54 46.21
CA LYS A 171 9.45 11.46 47.34
C LYS A 171 10.13 10.80 48.55
N SER A 172 11.35 10.31 48.37
CA SER A 172 12.00 9.43 49.37
C SER A 172 12.96 10.21 50.28
N THR A 173 13.29 9.61 51.43
CA THR A 173 14.22 10.19 52.39
C THR A 173 15.49 9.34 52.45
N PHE A 174 16.64 10.01 52.35
CA PHE A 174 17.97 9.35 52.34
C PHE A 174 18.89 9.85 53.44
N ASN A 175 19.74 8.96 53.96
CA ASN A 175 20.93 9.40 54.67
C ASN A 175 22.12 8.89 53.84
N ARG A 176 23.34 8.98 54.36
CA ARG A 176 24.50 8.64 53.55
C ARG A 176 24.47 7.17 53.13
N LEU A 177 24.24 6.29 54.09
CA LEU A 177 24.25 4.87 53.82
C LEU A 177 23.05 4.47 52.95
N GLY A 178 21.91 5.15 53.12
CA GLY A 178 20.79 4.99 52.18
C GLY A 178 21.15 5.40 50.75
N GLY A 179 21.94 6.47 50.61
CA GLY A 179 22.43 6.87 49.30
C GLY A 179 23.31 5.77 48.72
N LEU A 180 24.12 5.14 49.58
CA LEU A 180 25.00 4.07 49.12
C LEU A 180 24.18 2.86 48.63
N GLN A 181 23.11 2.54 49.35
CA GLN A 181 22.17 1.51 48.93
C GLN A 181 21.56 1.82 47.58
N PHE A 182 21.12 3.07 47.42
CA PHE A 182 20.53 3.52 46.14
C PHE A 182 21.53 3.40 44.97
N ASP A 183 22.78 3.79 45.22
CA ASP A 183 23.79 3.63 44.17
C ASP A 183 23.92 2.17 43.68
N LYS A 184 23.91 1.22 44.60
CA LYS A 184 23.94 -0.20 44.24
C LYS A 184 22.70 -0.62 43.47
N GLU A 185 21.54 -0.24 44.00
CA GLU A 185 20.25 -0.57 43.37
C GLU A 185 20.17 0.01 41.96
N LEU A 186 20.51 1.28 41.81
CA LEU A 186 20.49 1.91 40.47
C LEU A 186 21.47 1.24 39.49
N ARG A 187 22.68 0.97 39.93
CA ARG A 187 23.66 0.31 39.04
C ARG A 187 23.19 -1.09 38.61
N SER A 188 22.56 -1.86 39.53
CA SER A 188 22.00 -3.19 39.16
C SER A 188 20.89 -3.07 38.13
N LEU A 189 19.99 -2.13 38.35
CA LEU A 189 18.87 -1.92 37.42
C LEU A 189 19.36 -1.55 36.03
N ILE A 190 20.27 -0.59 35.97
CA ILE A 190 20.82 -0.16 34.68
C ILE A 190 21.58 -1.33 34.02
N ALA A 191 22.34 -2.07 34.81
CA ALA A 191 23.05 -3.24 34.31
C ALA A 191 22.08 -4.23 33.64
N TYR A 192 20.96 -4.49 34.30
CA TYR A 192 19.95 -5.38 33.72
C TYR A 192 19.36 -4.79 32.42
N LEU A 193 18.87 -3.54 32.49
CA LEU A 193 18.21 -2.92 31.33
C LEU A 193 19.14 -2.80 30.14
N THR A 194 20.43 -2.60 30.41
CA THR A 194 21.44 -2.50 29.36
C THR A 194 21.40 -3.74 28.47
N THR A 195 21.06 -4.90 29.04
CA THR A 195 21.03 -6.16 28.26
C THR A 195 19.81 -6.32 27.35
N VAL A 196 18.79 -5.48 27.50
CA VAL A 196 17.61 -5.56 26.61
C VAL A 196 17.35 -4.31 25.73
N THR A 197 18.20 -3.30 25.85
CA THR A 197 18.04 -2.10 25.01
C THR A 197 19.39 -1.63 24.47
N THR A 198 19.42 -0.48 23.82
CA THR A 198 20.65 0.03 23.19
C THR A 198 21.45 0.91 24.14
N TRP A 199 22.61 1.40 23.68
CA TRP A 199 23.47 2.34 24.45
C TRP A 199 22.76 3.63 24.94
N THR A 200 21.63 4.01 24.33
CA THR A 200 20.91 5.22 24.78
C THR A 200 20.43 5.11 26.24
N ILE A 201 20.50 3.90 26.81
CA ILE A 201 20.14 3.75 28.22
C ILE A 201 20.93 4.71 29.08
N ARG A 202 22.18 4.99 28.69
CA ARG A 202 23.03 5.89 29.46
C ARG A 202 22.45 7.29 29.55
N ASP A 203 21.94 7.80 28.44
CA ASP A 203 21.30 9.10 28.43
C ASP A 203 19.94 9.08 29.16
N LYS A 204 19.17 8.01 28.97
CA LYS A 204 17.86 7.90 29.64
C LYS A 204 18.00 7.90 31.14
N PHE A 205 19.09 7.31 31.64
CA PHE A 205 19.30 7.22 33.08
C PHE A 205 20.26 8.28 33.60
N ALA A 206 20.64 9.24 32.76
CA ALA A 206 21.60 10.28 33.18
C ALA A 206 21.11 11.11 34.37
N ARG A 207 19.84 11.52 34.37
CA ARG A 207 19.32 12.28 35.53
C ARG A 207 19.40 11.49 36.84
N LEU A 208 18.91 10.25 36.80
CA LEU A 208 18.99 9.35 37.96
C LEU A 208 20.42 9.08 38.43
N SER A 209 21.36 8.89 37.50
CA SER A 209 22.77 8.67 37.90
C SER A 209 23.34 9.91 38.60
N GLN A 210 22.95 11.08 38.09
CA GLN A 210 23.34 12.36 38.70
C GLN A 210 22.69 12.56 40.05
N MET A 211 21.43 12.16 40.17
CA MET A 211 20.77 12.16 41.48
C MET A 211 21.51 11.26 42.46
N ALA A 212 21.94 10.09 42.00
CA ALA A 212 22.70 9.17 42.87
C ALA A 212 24.02 9.80 43.32
N THR A 213 24.70 10.51 42.43
CA THR A 213 25.92 11.25 42.82
C THR A 213 25.63 12.20 43.99
N ILE A 214 24.57 12.97 43.87
CA ILE A 214 24.20 13.93 44.93
C ILE A 214 23.86 13.18 46.24
N LEU A 215 23.07 12.10 46.13
CA LEU A 215 22.64 11.35 47.31
C LEU A 215 23.80 10.58 47.97
N ASN A 216 24.95 10.56 47.31
CA ASN A 216 26.15 9.89 47.86
C ASN A 216 27.25 10.85 48.33
N LEU A 217 26.97 12.15 48.32
CA LEU A 217 27.91 13.13 48.89
C LEU A 217 28.10 12.95 50.38
N GLU A 218 29.31 13.24 50.87
CA GLU A 218 29.58 13.25 52.32
C GLU A 218 29.06 14.53 52.99
N ARG A 219 29.08 15.65 52.27
CA ARG A 219 28.56 16.93 52.80
C ARG A 219 28.03 17.73 51.65
N VAL A 220 27.14 18.67 51.94
CA VAL A 220 26.54 19.55 50.92
C VAL A 220 27.61 20.22 50.02
N THR A 221 28.63 20.81 50.63
CA THR A 221 29.61 21.59 49.84
C THR A 221 30.40 20.70 48.87
N GLU A 222 30.40 19.38 49.09
CA GLU A 222 31.15 18.47 48.20
C GLU A 222 30.63 18.49 46.76
N ILE A 223 29.38 18.92 46.57
CA ILE A 223 28.82 19.01 45.21
C ILE A 223 29.66 19.95 44.31
N LEU A 224 30.28 20.95 44.94
CA LEU A 224 31.09 21.94 44.21
C LEU A 224 32.34 21.32 43.58
N ASP A 225 32.78 20.18 44.11
CA ASP A 225 33.83 19.38 43.49
C ASP A 225 33.44 18.77 42.13
N TYR A 226 32.15 18.73 41.82
CA TYR A 226 31.66 18.06 40.60
C TYR A 226 30.85 18.98 39.69
N TRP A 227 30.73 20.25 40.10
CA TRP A 227 29.78 21.18 39.49
C TRP A 227 30.45 22.29 38.67
N GLY A 228 29.76 22.73 37.62
CA GLY A 228 30.20 23.90 36.84
C GLY A 228 31.56 23.72 36.20
N PRO A 229 32.54 24.56 36.59
CA PRO A 229 33.91 24.43 36.08
C PRO A 229 34.55 23.08 36.43
N ASN A 230 34.07 22.47 37.52
CA ASN A 230 34.59 21.20 38.01
C ASN A 230 33.87 19.95 37.44
N SER A 231 32.96 20.16 36.48
CA SER A 231 32.23 19.08 35.80
C SER A 231 33.16 18.11 35.07
N GLY A 232 34.21 18.65 34.47
CA GLY A 232 35.08 17.88 33.59
C GLY A 232 34.32 17.46 32.33
N PRO A 233 34.25 16.14 32.06
CA PRO A 233 33.55 15.62 30.89
C PRO A 233 32.02 15.59 31.05
N LEU A 234 31.55 15.72 32.30
CA LEU A 234 30.12 15.55 32.60
C LEU A 234 29.30 16.79 32.26
N THR A 235 28.22 16.59 31.51
CA THR A 235 27.21 17.64 31.36
C THR A 235 26.01 17.34 32.27
N TRP A 236 25.82 18.18 33.27
CA TRP A 236 24.70 18.02 34.20
C TRP A 236 23.38 18.20 33.46
N ARG A 237 22.39 17.38 33.83
CA ARG A 237 21.08 17.41 33.20
C ARG A 237 20.09 17.87 34.24
N LEU A 238 20.60 18.31 35.39
CA LEU A 238 19.78 18.84 36.46
C LEU A 238 20.01 20.35 36.56
N THR A 239 18.92 21.11 36.71
CA THR A 239 19.04 22.55 36.97
C THR A 239 19.49 22.78 38.41
N PRO A 240 20.03 24.00 38.70
CA PRO A 240 20.30 24.37 40.08
C PRO A 240 19.14 24.08 41.03
N ALA A 241 17.91 24.43 40.64
CA ALA A 241 16.75 24.18 41.51
C ALA A 241 16.59 22.67 41.78
N GLU A 242 16.74 21.87 40.73
CA GLU A 242 16.65 20.40 40.86
C GLU A 242 17.78 19.83 41.74
N VAL A 243 18.99 20.37 41.60
CA VAL A 243 20.11 19.99 42.48
C VAL A 243 19.77 20.24 43.94
N ARG A 244 19.28 21.45 44.25
CA ARG A 244 18.86 21.76 45.61
C ARG A 244 17.74 20.86 46.10
N GLN A 245 16.79 20.55 45.21
CA GLN A 245 15.70 19.61 45.53
C GLN A 245 16.23 18.22 45.93
N VAL A 246 17.19 17.72 45.16
CA VAL A 246 17.79 16.38 45.43
C VAL A 246 18.63 16.42 46.72
N LEU A 247 19.43 17.47 46.92
CA LEU A 247 20.17 17.63 48.18
C LEU A 247 19.25 17.56 49.40
N ALA A 248 18.07 18.15 49.25
CA ALA A 248 17.10 18.22 50.33
C ALA A 248 16.54 16.85 50.69
N LEU A 249 16.68 15.87 49.79
CA LEU A 249 16.26 14.48 50.11
C LEU A 249 17.12 13.85 51.19
N ARG A 250 18.33 14.38 51.35
CA ARG A 250 19.24 13.93 52.43
C ARG A 250 18.84 14.56 53.75
N ILE A 251 18.37 13.71 54.66
CA ILE A 251 17.80 14.19 55.92
C ILE A 251 18.87 14.83 56.80
N ASP A 252 20.14 14.50 56.52
CA ASP A 252 21.28 15.00 57.32
C ASP A 252 21.83 16.31 56.78
N PHE A 253 21.32 16.75 55.63
CA PHE A 253 21.81 17.96 54.97
C PHE A 253 21.00 19.20 55.37
N ARG A 254 21.70 20.24 55.79
CA ARG A 254 21.06 21.47 56.30
C ARG A 254 20.52 22.31 55.15
N SER A 255 19.26 22.73 55.27
CA SER A 255 18.66 23.67 54.34
C SER A 255 19.53 24.92 54.11
N GLU A 256 20.09 25.46 55.20
CA GLU A 256 20.95 26.66 55.13
C GLU A 256 22.11 26.45 54.19
N ASP A 257 22.76 25.28 54.31
CA ASP A 257 23.91 24.93 53.49
C ASP A 257 23.57 24.76 52.02
N ILE A 258 22.40 24.17 51.78
CA ILE A 258 21.90 23.92 50.43
C ILE A 258 21.63 25.26 49.74
N LYS A 259 20.99 26.18 50.45
CA LYS A 259 20.67 27.53 49.92
C LYS A 259 21.94 28.39 49.72
N ARG A 260 22.94 28.16 50.57
CA ARG A 260 24.21 28.86 50.46
C ARG A 260 24.85 28.63 49.09
N LEU A 261 24.80 27.39 48.62
CA LEU A 261 25.51 27.02 47.40
C LEU A 261 25.34 28.01 46.26
N ARG A 262 26.46 28.38 45.65
CA ARG A 262 26.45 29.21 44.45
C ARG A 262 26.54 28.29 43.25
N LEU A 263 25.39 27.96 42.67
CA LEU A 263 25.30 26.98 41.58
C LEU A 263 25.11 27.64 40.23
N THR B 15 11.87 -4.27 -32.29
CA THR B 15 10.42 -3.92 -32.13
C THR B 15 9.67 -4.98 -31.34
N ASP B 16 9.72 -6.23 -31.77
CA ASP B 16 9.04 -7.31 -31.04
C ASP B 16 9.58 -7.47 -29.62
N GLU B 17 10.89 -7.36 -29.47
CA GLU B 17 11.52 -7.43 -28.15
C GLU B 17 10.98 -6.35 -27.22
N ALA B 18 11.01 -5.10 -27.69
CA ALA B 18 10.60 -3.97 -26.89
C ALA B 18 9.11 -4.07 -26.51
N LYS B 19 8.29 -4.59 -27.43
CA LYS B 19 6.86 -4.82 -27.21
C LYS B 19 6.63 -5.86 -26.11
N MET B 20 7.30 -7.01 -26.20
CA MET B 20 7.11 -8.06 -25.22
C MET B 20 7.69 -7.67 -23.87
N SER B 21 8.82 -6.94 -23.87
CA SER B 21 9.36 -6.45 -22.62
C SER B 21 8.35 -5.54 -21.90
N PHE B 22 7.76 -4.59 -22.61
CA PHE B 22 6.71 -3.72 -22.05
C PHE B 22 5.63 -4.56 -21.38
N LEU B 23 5.13 -5.57 -22.10
CA LEU B 23 4.02 -6.39 -21.61
C LEU B 23 4.36 -7.21 -20.39
N VAL B 24 5.54 -7.85 -20.44
CA VAL B 24 6.03 -8.63 -19.31
C VAL B 24 6.26 -7.75 -18.06
N THR B 25 6.72 -6.52 -18.28
CA THR B 25 6.88 -5.56 -17.18
C THR B 25 5.51 -5.20 -16.56
N LEU B 26 4.53 -4.83 -17.41
CA LEU B 26 3.17 -4.59 -16.92
C LEU B 26 2.61 -5.78 -16.17
N ASN B 27 2.91 -6.98 -16.66
CA ASN B 27 2.46 -8.19 -16.02
C ASN B 27 3.06 -8.33 -14.61
N ASN B 28 4.33 -7.93 -14.45
CA ASN B 28 4.88 -7.92 -13.09
C ASN B 28 4.25 -6.82 -12.20
N VAL B 29 3.90 -5.68 -12.80
CA VAL B 29 3.17 -4.65 -12.05
C VAL B 29 1.86 -5.25 -11.49
N GLU B 30 1.18 -6.05 -12.32
CA GLU B 30 -0.06 -6.71 -11.92
C GLU B 30 0.14 -7.69 -10.76
N VAL B 31 1.22 -8.47 -10.81
CA VAL B 31 1.56 -9.38 -9.71
C VAL B 31 1.76 -8.58 -8.42
N CYS B 32 2.46 -7.44 -8.49
CA CYS B 32 2.72 -6.62 -7.31
C CYS B 32 1.42 -6.03 -6.79
N SER B 33 0.56 -5.62 -7.72
CA SER B 33 -0.72 -5.01 -7.39
C SER B 33 -1.64 -6.00 -6.66
N GLU B 34 -1.66 -7.25 -7.14
CA GLU B 34 -2.39 -8.33 -6.47
C GLU B 34 -1.85 -8.60 -5.06
N ASN B 35 -0.53 -8.57 -4.92
CA ASN B 35 0.12 -8.72 -3.61
C ASN B 35 -0.28 -7.57 -2.64
N ILE B 36 -0.40 -6.35 -3.16
CA ILE B 36 -0.86 -5.22 -2.35
C ILE B 36 -2.30 -5.47 -1.86
N SER B 37 -3.14 -5.99 -2.75
CA SER B 37 -4.53 -6.31 -2.37
C SER B 37 -4.61 -7.38 -1.30
N THR B 38 -3.75 -8.39 -1.41
CA THR B 38 -3.73 -9.46 -0.41
C THR B 38 -3.23 -8.93 0.93
N LEU B 39 -2.27 -8.00 0.89
CA LEU B 39 -1.80 -7.39 2.15
C LEU B 39 -2.88 -6.52 2.77
N LYS B 40 -3.61 -5.78 1.94
CA LYS B 40 -4.70 -4.94 2.43
C LYS B 40 -5.70 -5.78 3.21
N LYS B 41 -6.01 -6.97 2.70
CA LYS B 41 -6.96 -7.87 3.38
C LYS B 41 -6.44 -8.40 4.71
N THR B 42 -5.15 -8.72 4.75
CA THR B 42 -4.53 -9.15 5.99
C THR B 42 -4.60 -7.99 6.98
N LEU B 43 -4.27 -6.79 6.50
CA LEU B 43 -4.28 -5.56 7.35
C LEU B 43 -5.68 -5.20 7.87
N GLU B 44 -6.71 -5.40 7.05
CA GLU B 44 -8.09 -5.16 7.50
C GLU B 44 -8.46 -6.08 8.67
N SER B 45 -8.03 -7.33 8.59
CA SER B 45 -8.29 -8.29 9.66
C SER B 45 -7.44 -7.97 10.90
N ASP B 46 -6.19 -7.52 10.68
CA ASP B 46 -5.33 -7.02 11.77
C ASP B 46 -5.98 -5.85 12.49
N CYS B 47 -6.56 -4.91 11.73
CA CYS B 47 -7.15 -3.73 12.34
C CYS B 47 -8.26 -4.14 13.30
N THR B 48 -9.16 -5.00 12.81
CA THR B 48 -10.23 -5.48 13.69
C THR B 48 -9.68 -6.19 14.94
N LYS B 49 -8.73 -7.12 14.74
CA LYS B 49 -8.16 -7.89 15.85
C LYS B 49 -7.45 -6.94 16.83
N LEU B 50 -6.68 -5.98 16.30
CA LEU B 50 -5.85 -5.11 17.14
C LEU B 50 -6.70 -4.42 18.19
N PHE B 51 -7.85 -3.89 17.79
CA PHE B 51 -8.68 -3.10 18.69
C PHE B 51 -9.78 -3.89 19.43
N SER B 52 -9.80 -5.21 19.22
CA SER B 52 -10.90 -6.07 19.66
C SER B 52 -11.00 -6.30 21.18
N GLN B 53 -9.94 -5.96 21.92
CA GLN B 53 -9.92 -6.24 23.34
C GLN B 53 -9.64 -5.02 24.22
N GLY B 54 -10.06 -3.85 23.76
CA GLY B 54 -10.01 -2.64 24.59
C GLY B 54 -8.71 -1.84 24.57
N ILE B 55 -7.68 -2.36 23.90
CA ILE B 55 -6.38 -1.65 23.80
C ILE B 55 -6.35 -0.89 22.48
N GLY B 56 -5.85 0.33 22.50
CA GLY B 56 -5.77 1.13 21.28
C GLY B 56 -6.89 2.13 21.26
N GLY B 57 -6.53 3.40 21.33
CA GLY B 57 -7.47 4.49 21.40
C GLY B 57 -7.73 5.13 20.05
N GLU B 58 -8.30 6.32 20.11
CA GLU B 58 -8.69 7.10 18.94
C GLU B 58 -7.53 7.36 17.98
N GLN B 59 -6.34 7.66 18.50
CA GLN B 59 -5.22 7.99 17.61
C GLN B 59 -4.83 6.77 16.77
N ALA B 60 -4.64 5.61 17.41
CA ALA B 60 -4.24 4.42 16.68
C ALA B 60 -5.36 3.99 15.70
N GLN B 61 -6.62 4.07 16.15
CA GLN B 61 -7.75 3.69 15.30
C GLN B 61 -7.88 4.58 14.06
N ALA B 62 -7.72 5.88 14.25
CA ALA B 62 -7.71 6.83 13.13
C ALA B 62 -6.53 6.63 12.18
N LYS B 63 -5.34 6.40 12.71
CA LYS B 63 -4.18 6.13 11.85
C LYS B 63 -4.35 4.85 11.04
N PHE B 64 -4.92 3.80 11.65
CA PHE B 64 -5.10 2.54 10.93
C PHE B 64 -6.14 2.71 9.80
N ASP B 65 -7.24 3.40 10.10
CA ASP B 65 -8.29 3.61 9.09
C ASP B 65 -7.73 4.39 7.91
N SER B 66 -6.88 5.35 8.22
CA SER B 66 -6.28 6.21 7.20
C SER B 66 -5.32 5.42 6.31
N CYS B 67 -4.48 4.57 6.91
CA CYS B 67 -3.64 3.64 6.16
C CYS B 67 -4.46 2.77 5.20
N LEU B 68 -5.55 2.18 5.71
CA LEU B 68 -6.35 1.25 4.89
C LEU B 68 -7.04 1.97 3.72
N SER B 69 -7.54 3.16 4.00
CA SER B 69 -8.15 4.01 3.00
C SER B 69 -7.10 4.37 1.91
N ASP B 70 -5.88 4.68 2.32
CA ASP B 70 -4.80 4.96 1.36
C ASP B 70 -4.46 3.77 0.48
N LEU B 71 -4.47 2.57 1.05
CA LEU B 71 -4.25 1.35 0.26
C LEU B 71 -5.38 1.08 -0.75
N ALA B 72 -6.62 1.29 -0.33
CA ALA B 72 -7.76 1.22 -1.28
C ALA B 72 -7.52 2.19 -2.43
N ALA B 73 -7.11 3.42 -2.11
CA ALA B 73 -6.94 4.45 -3.14
C ALA B 73 -5.82 4.07 -4.12
N VAL B 74 -4.70 3.57 -3.61
CA VAL B 74 -3.58 3.27 -4.51
C VAL B 74 -3.83 1.99 -5.30
N SER B 75 -4.60 1.08 -4.70
CA SER B 75 -5.01 -0.13 -5.40
C SER B 75 -5.86 0.18 -6.64
N ASN B 76 -6.77 1.14 -6.52
CA ASN B 76 -7.53 1.62 -7.68
C ASN B 76 -6.57 2.25 -8.71
N LYS B 77 -5.62 3.05 -8.25
CA LYS B 77 -4.65 3.68 -9.17
C LYS B 77 -3.78 2.65 -9.91
N PHE B 78 -3.42 1.55 -9.25
CA PHE B 78 -2.63 0.51 -9.92
C PHE B 78 -3.43 -0.15 -11.04
N ARG B 79 -4.75 -0.31 -10.85
CA ARG B 79 -5.56 -0.94 -11.91
C ARG B 79 -5.67 0.00 -13.10
N ASP B 80 -5.78 1.29 -12.83
CA ASP B 80 -5.84 2.32 -13.85
C ASP B 80 -4.50 2.37 -14.61
N LEU B 81 -3.40 2.30 -13.87
CA LEU B 81 -2.05 2.27 -14.50
C LEU B 81 -1.92 1.12 -15.48
N LEU B 82 -2.35 -0.07 -15.07
CA LEU B 82 -2.30 -1.23 -15.91
C LEU B 82 -3.15 -1.05 -17.16
N GLN B 83 -4.37 -0.51 -17.01
CA GLN B 83 -5.22 -0.28 -18.18
C GLN B 83 -4.58 0.74 -19.13
N GLU B 84 -3.99 1.79 -18.57
CA GLU B 84 -3.33 2.81 -19.38
C GLU B 84 -2.14 2.20 -20.14
N GLY B 85 -1.35 1.39 -19.44
CA GLY B 85 -0.18 0.74 -20.07
C GLY B 85 -0.59 -0.12 -21.25
N LEU B 86 -1.60 -0.96 -21.04
CA LEU B 86 -2.10 -1.82 -22.08
C LEU B 86 -2.72 -1.07 -23.25
N THR B 87 -3.43 0.03 -23.00
CA THR B 87 -4.02 0.75 -24.14
C THR B 87 -2.91 1.43 -24.98
N GLU B 88 -1.86 1.90 -24.30
CA GLU B 88 -0.71 2.49 -24.98
C GLU B 88 0.04 1.44 -25.79
N LEU B 89 0.23 0.26 -25.21
CA LEU B 89 0.91 -0.84 -25.91
C LEU B 89 0.09 -1.23 -27.16
N ASN B 90 -1.20 -1.44 -26.96
CA ASN B 90 -2.11 -1.77 -28.05
C ASN B 90 -1.98 -0.76 -29.20
N SER B 91 -2.07 0.52 -28.87
CA SER B 91 -2.00 1.59 -29.86
C SER B 91 -0.62 1.70 -30.53
N THR B 92 0.44 1.45 -29.78
CA THR B 92 1.81 1.59 -30.27
C THR B 92 2.25 0.40 -31.11
N ALA B 93 1.98 -0.80 -30.58
CA ALA B 93 2.55 -2.04 -31.12
C ALA B 93 1.58 -2.97 -31.86
N ILE B 94 0.31 -2.97 -31.47
CA ILE B 94 -0.63 -3.92 -32.07
C ILE B 94 -1.37 -3.30 -33.26
N LYS B 95 -1.86 -2.08 -33.06
CA LYS B 95 -2.52 -1.30 -34.12
C LYS B 95 -1.76 -1.28 -35.48
N PRO B 96 -0.44 -0.98 -35.47
CA PRO B 96 0.32 -1.01 -36.73
C PRO B 96 0.29 -2.36 -37.46
N GLN B 97 0.13 -3.46 -36.73
CA GLN B 97 0.02 -4.78 -37.34
C GLN B 97 -1.39 -5.10 -37.84
N VAL B 98 -2.39 -4.74 -37.04
CA VAL B 98 -3.79 -5.03 -37.35
C VAL B 98 -4.31 -4.15 -38.49
N GLN B 99 -3.94 -2.87 -38.48
CA GLN B 99 -4.38 -1.90 -39.47
C GLN B 99 -4.30 -2.36 -40.94
N PRO B 100 -3.13 -2.85 -41.41
CA PRO B 100 -3.06 -3.40 -42.77
C PRO B 100 -4.01 -4.57 -43.02
N TRP B 101 -4.21 -5.43 -42.02
CA TRP B 101 -5.08 -6.58 -42.22
C TRP B 101 -6.52 -6.11 -42.41
N ILE B 102 -6.89 -5.09 -41.63
CA ILE B 102 -8.22 -4.49 -41.78
C ILE B 102 -8.36 -3.75 -43.10
N ASN B 103 -7.34 -2.97 -43.47
CA ASN B 103 -7.33 -2.23 -44.74
C ASN B 103 -7.54 -3.12 -45.95
N SER B 104 -7.10 -4.38 -45.88
CA SER B 104 -7.30 -5.36 -46.95
C SER B 104 -8.77 -5.55 -47.35
N PHE B 105 -9.69 -5.30 -46.42
CA PHE B 105 -11.14 -5.35 -46.71
C PHE B 105 -11.47 -4.47 -47.91
N PHE B 106 -10.85 -3.29 -47.96
CA PHE B 106 -11.11 -2.29 -49.01
C PHE B 106 -10.90 -2.88 -50.41
N SER B 107 -9.93 -3.77 -50.54
CA SER B 107 -9.58 -4.34 -51.85
C SER B 107 -10.41 -5.56 -52.24
N VAL B 108 -11.28 -6.03 -51.34
CA VAL B 108 -12.23 -7.09 -51.66
C VAL B 108 -13.53 -6.43 -52.14
N SER B 109 -13.91 -6.66 -53.39
CA SER B 109 -15.14 -6.04 -53.89
C SER B 109 -16.33 -6.53 -53.07
N HIS B 110 -17.18 -5.58 -52.63
CA HIS B 110 -18.50 -5.92 -52.06
C HIS B 110 -19.62 -5.37 -52.97
N ASN B 111 -19.26 -5.13 -54.24
CA ASN B 111 -20.24 -4.80 -55.27
C ASN B 111 -20.16 -5.93 -56.27
N ILE B 112 -20.97 -6.97 -56.05
CA ILE B 112 -20.73 -8.27 -56.64
C ILE B 112 -22.00 -8.91 -57.21
N GLU B 113 -21.78 -9.80 -58.19
CA GLU B 113 -22.84 -10.66 -58.77
C GLU B 113 -22.66 -12.09 -58.23
N GLU B 114 -23.59 -13.01 -58.53
CA GLU B 114 -23.56 -14.36 -57.93
C GLU B 114 -22.29 -15.14 -58.27
N GLU B 115 -21.71 -14.90 -59.44
CA GLU B 115 -20.48 -15.62 -59.78
C GLU B 115 -19.37 -15.33 -58.78
N GLU B 116 -19.22 -14.06 -58.41
CA GLU B 116 -18.18 -13.65 -57.42
C GLU B 116 -18.54 -14.10 -56.03
N PHE B 117 -19.82 -13.99 -55.68
CA PHE B 117 -20.31 -14.46 -54.39
C PHE B 117 -20.02 -15.95 -54.23
N ASN B 118 -20.25 -16.72 -55.30
CA ASN B 118 -19.94 -18.15 -55.26
C ASN B 118 -18.43 -18.42 -55.17
N ASP B 119 -17.64 -17.63 -55.88
CA ASP B 119 -16.18 -17.67 -55.73
C ASP B 119 -15.76 -17.45 -54.27
N TYR B 120 -16.33 -16.42 -53.64
CA TYR B 120 -16.08 -16.15 -52.20
C TYR B 120 -16.51 -17.28 -51.28
N GLU B 121 -17.59 -18.00 -51.61
CA GLU B 121 -18.05 -19.12 -50.80
C GLU B 121 -17.03 -20.26 -50.86
N ALA B 122 -16.42 -20.45 -52.03
CA ALA B 122 -15.42 -21.51 -52.26
C ALA B 122 -14.05 -21.15 -51.73
N ASN B 123 -13.65 -19.89 -51.87
CA ASN B 123 -12.37 -19.39 -51.37
C ASN B 123 -12.57 -18.03 -50.72
N ASP B 124 -12.65 -18.04 -49.39
CA ASP B 124 -12.95 -16.83 -48.64
C ASP B 124 -11.90 -15.74 -48.89
N PRO B 125 -12.35 -14.52 -49.26
CA PRO B 125 -11.40 -13.50 -49.66
C PRO B 125 -10.71 -12.67 -48.56
N TRP B 126 -11.23 -12.70 -47.34
CA TRP B 126 -10.66 -11.79 -46.31
C TRP B 126 -10.75 -12.28 -44.88
N VAL B 127 -11.96 -12.61 -44.42
CA VAL B 127 -12.18 -12.78 -42.99
C VAL B 127 -11.44 -13.98 -42.40
N GLN B 128 -11.36 -15.07 -43.15
CA GLN B 128 -10.72 -16.27 -42.58
C GLN B 128 -9.23 -16.04 -42.35
N GLN B 129 -8.55 -15.39 -43.30
CA GLN B 129 -7.12 -15.04 -43.13
C GLN B 129 -6.93 -13.98 -42.03
N PHE B 130 -7.86 -13.04 -41.95
CA PHE B 130 -7.84 -12.05 -40.87
C PHE B 130 -7.87 -12.76 -39.51
N ILE B 131 -8.78 -13.72 -39.36
CA ILE B 131 -8.92 -14.49 -38.11
C ILE B 131 -7.62 -15.26 -37.79
N LEU B 132 -7.05 -15.91 -38.81
CA LEU B 132 -5.76 -16.57 -38.62
C LEU B 132 -4.67 -15.60 -38.15
N ASN B 133 -4.64 -14.39 -38.71
CA ASN B 133 -3.66 -13.38 -38.33
C ASN B 133 -3.82 -12.94 -36.86
N LEU B 134 -5.06 -12.69 -36.45
CA LEU B 134 -5.38 -12.39 -35.05
C LEU B 134 -4.97 -13.53 -34.11
N GLU B 135 -5.28 -14.76 -34.50
CA GLU B 135 -4.92 -15.96 -33.71
C GLU B 135 -3.42 -16.06 -33.45
N GLN B 136 -2.62 -15.90 -34.50
CA GLN B 136 -1.16 -15.95 -34.38
C GLN B 136 -0.66 -14.82 -33.49
N GLN B 137 -1.11 -13.60 -33.77
CA GLN B 137 -0.77 -12.45 -32.96
C GLN B 137 -1.09 -12.66 -31.48
N MET B 138 -2.31 -13.08 -31.16
CA MET B 138 -2.72 -13.30 -29.77
C MET B 138 -2.01 -14.46 -29.07
N ALA B 139 -1.57 -15.45 -29.84
CA ALA B 139 -0.85 -16.61 -29.29
C ALA B 139 0.46 -16.19 -28.61
N GLU B 140 1.14 -15.21 -29.17
CA GLU B 140 2.36 -14.67 -28.57
C GLU B 140 2.12 -14.11 -27.16
N PHE B 141 0.92 -13.58 -26.94
CA PHE B 141 0.60 -12.93 -25.66
C PHE B 141 0.11 -13.91 -24.60
N LYS B 142 -0.71 -14.89 -25.00
CA LYS B 142 -1.30 -15.84 -24.04
C LYS B 142 -0.21 -16.66 -23.34
N ALA B 143 0.85 -16.91 -24.08
CA ALA B 143 2.00 -17.65 -23.55
C ALA B 143 2.72 -16.90 -22.43
N SER B 144 2.76 -15.56 -22.49
CA SER B 144 3.63 -14.81 -21.58
C SER B 144 2.94 -14.00 -20.47
N LEU B 145 1.61 -13.89 -20.52
CA LEU B 145 0.89 -12.98 -19.63
C LEU B 145 -0.12 -13.69 -18.74
N SER B 146 -0.40 -13.12 -17.57
CA SER B 146 -1.44 -13.65 -16.69
C SER B 146 -2.79 -13.51 -17.40
N PRO B 147 -3.80 -14.33 -17.02
CA PRO B 147 -5.15 -14.19 -17.58
C PRO B 147 -5.74 -12.78 -17.52
N VAL B 148 -5.63 -12.09 -16.38
CA VAL B 148 -6.20 -10.74 -16.25
C VAL B 148 -5.58 -9.78 -17.27
N ILE B 149 -4.29 -9.90 -17.51
CA ILE B 149 -3.60 -9.01 -18.44
C ILE B 149 -3.92 -9.41 -19.88
N TYR B 150 -3.85 -10.71 -20.15
CA TYR B 150 -4.18 -11.25 -21.47
C TYR B 150 -5.63 -10.88 -21.86
N ASP B 151 -6.56 -11.05 -20.93
CA ASP B 151 -7.96 -10.71 -21.18
C ASP B 151 -8.16 -9.23 -21.46
N SER B 152 -7.51 -8.37 -20.67
CA SER B 152 -7.66 -6.93 -20.89
C SER B 152 -7.08 -6.54 -22.22
N LEU B 153 -5.95 -7.14 -22.57
CA LEU B 153 -5.30 -6.79 -23.83
C LEU B 153 -6.14 -7.25 -25.01
N THR B 154 -6.70 -8.45 -24.90
CA THR B 154 -7.62 -9.02 -25.90
C THR B 154 -8.87 -8.14 -26.07
N GLY B 155 -9.36 -7.61 -24.96
CA GLY B 155 -10.49 -6.66 -24.98
C GLY B 155 -10.17 -5.39 -25.74
N LEU B 156 -8.96 -4.86 -25.55
CA LEU B 156 -8.49 -3.67 -26.27
C LEU B 156 -8.33 -3.95 -27.76
N MET B 157 -7.73 -5.08 -28.09
CA MET B 157 -7.61 -5.51 -29.49
C MET B 157 -8.96 -5.63 -30.16
N THR B 158 -9.93 -6.16 -29.43
CA THR B 158 -11.29 -6.36 -29.94
C THR B 158 -11.96 -5.01 -30.25
N SER B 159 -11.82 -4.05 -29.34
CA SER B 159 -12.29 -2.69 -29.58
C SER B 159 -11.59 -2.06 -30.78
N LEU B 160 -10.28 -2.29 -30.92
CA LEU B 160 -9.52 -1.74 -32.03
C LEU B 160 -10.07 -2.25 -33.37
N VAL B 161 -10.31 -3.55 -33.41
CA VAL B 161 -10.90 -4.21 -34.57
C VAL B 161 -12.27 -3.64 -34.93
N ALA B 162 -13.16 -3.49 -33.94
CA ALA B 162 -14.47 -2.86 -34.21
C ALA B 162 -14.35 -1.44 -34.77
N VAL B 163 -13.49 -0.63 -34.16
CA VAL B 163 -13.28 0.74 -34.64
C VAL B 163 -12.70 0.78 -36.07
N GLU B 164 -11.65 0.00 -36.32
CA GLU B 164 -10.99 0.08 -37.60
C GLU B 164 -11.82 -0.57 -38.72
N LEU B 165 -12.53 -1.64 -38.40
CA LEU B 165 -13.43 -2.24 -39.38
C LEU B 165 -14.52 -1.25 -39.77
N GLU B 166 -15.09 -0.54 -38.79
CA GLU B 166 -16.10 0.47 -39.13
C GLU B 166 -15.53 1.52 -40.11
N LYS B 167 -14.28 1.93 -39.91
CA LYS B 167 -13.67 2.93 -40.78
C LYS B 167 -13.49 2.45 -42.21
N VAL B 168 -13.03 1.22 -42.38
CA VAL B 168 -12.85 0.70 -43.73
C VAL B 168 -14.19 0.39 -44.43
N VAL B 169 -15.20 -0.06 -43.66
CA VAL B 169 -16.56 -0.24 -44.23
C VAL B 169 -17.08 1.08 -44.82
N LEU B 170 -16.89 2.16 -44.08
CA LEU B 170 -17.34 3.49 -44.51
C LEU B 170 -16.58 4.02 -45.72
N LYS B 171 -15.51 3.34 -46.12
CA LYS B 171 -14.80 3.69 -47.36
C LYS B 171 -15.19 2.78 -48.52
N SER B 172 -15.96 1.73 -48.22
CA SER B 172 -16.24 0.67 -49.18
C SER B 172 -17.56 0.88 -49.94
N THR B 173 -17.72 0.15 -51.05
CA THR B 173 -18.88 0.21 -51.92
C THR B 173 -19.61 -1.13 -51.91
N PHE B 174 -20.92 -1.08 -51.67
CA PHE B 174 -21.75 -2.28 -51.57
C PHE B 174 -22.89 -2.31 -52.58
N ASN B 175 -23.27 -3.52 -53.00
CA ASN B 175 -24.60 -3.73 -53.57
C ASN B 175 -25.29 -4.72 -52.63
N ARG B 176 -26.48 -5.20 -53.01
CA ARG B 176 -27.29 -6.04 -52.11
C ARG B 176 -26.55 -7.34 -51.73
N LEU B 177 -25.97 -7.98 -52.74
CA LEU B 177 -25.29 -9.25 -52.52
C LEU B 177 -23.99 -9.04 -51.73
N GLY B 178 -23.32 -7.92 -51.99
CA GLY B 178 -22.15 -7.52 -51.19
C GLY B 178 -22.49 -7.28 -49.73
N GLY B 179 -23.67 -6.70 -49.49
CA GLY B 179 -24.21 -6.57 -48.12
C GLY B 179 -24.35 -7.95 -47.49
N LEU B 180 -24.87 -8.90 -48.25
CA LEU B 180 -25.00 -10.30 -47.76
C LEU B 180 -23.64 -10.92 -47.41
N GLN B 181 -22.66 -10.71 -48.27
CA GLN B 181 -21.28 -11.15 -48.00
C GLN B 181 -20.78 -10.53 -46.70
N PHE B 182 -20.98 -9.22 -46.55
CA PHE B 182 -20.50 -8.53 -45.33
C PHE B 182 -21.17 -9.08 -44.07
N ASP B 183 -22.46 -9.37 -44.15
CA ASP B 183 -23.17 -9.94 -43.01
C ASP B 183 -22.52 -11.28 -42.56
N LYS B 184 -22.22 -12.15 -43.52
CA LYS B 184 -21.50 -13.42 -43.22
C LYS B 184 -20.10 -13.18 -42.62
N GLU B 185 -19.34 -12.25 -43.20
CA GLU B 185 -18.00 -11.93 -42.72
C GLU B 185 -18.06 -11.40 -41.29
N LEU B 186 -18.94 -10.42 -41.07
CA LEU B 186 -19.10 -9.84 -39.71
C LEU B 186 -19.49 -10.89 -38.67
N ARG B 187 -20.50 -11.70 -39.01
CA ARG B 187 -20.93 -12.75 -38.05
C ARG B 187 -19.80 -13.75 -37.77
N SER B 188 -19.02 -14.11 -38.80
CA SER B 188 -17.83 -14.96 -38.59
C SER B 188 -16.79 -14.34 -37.66
N LEU B 189 -16.49 -13.06 -37.88
CA LEU B 189 -15.53 -12.33 -37.05
C LEU B 189 -16.00 -12.22 -35.60
N ILE B 190 -17.26 -11.87 -35.40
CA ILE B 190 -17.81 -11.77 -34.02
C ILE B 190 -17.79 -13.14 -33.33
N ALA B 191 -18.18 -14.19 -34.06
CA ALA B 191 -18.06 -15.56 -33.54
C ALA B 191 -16.65 -15.90 -33.05
N TYR B 192 -15.61 -15.65 -33.87
CA TYR B 192 -14.24 -15.92 -33.46
C TYR B 192 -13.84 -15.11 -32.22
N LEU B 193 -14.08 -13.79 -32.26
CA LEU B 193 -13.66 -12.93 -31.14
C LEU B 193 -14.40 -13.27 -29.84
N THR B 194 -15.60 -13.84 -29.97
CA THR B 194 -16.31 -14.32 -28.81
C THR B 194 -15.60 -15.53 -28.18
N THR B 195 -14.98 -16.38 -29.00
CA THR B 195 -14.33 -17.59 -28.46
C THR B 195 -13.10 -17.28 -27.62
N VAL B 196 -12.50 -16.11 -27.83
CA VAL B 196 -11.20 -15.81 -27.20
C VAL B 196 -11.31 -15.11 -25.84
N THR B 197 -12.54 -14.84 -25.43
CA THR B 197 -12.78 -14.07 -24.20
C THR B 197 -13.92 -14.69 -23.40
N THR B 198 -14.04 -14.34 -22.13
CA THR B 198 -15.25 -14.68 -21.36
C THR B 198 -16.34 -13.61 -21.49
N TRP B 199 -15.99 -12.46 -22.05
CA TRP B 199 -16.94 -11.34 -22.10
C TRP B 199 -17.87 -11.40 -23.30
N THR B 200 -19.04 -10.77 -23.18
CA THR B 200 -19.87 -10.54 -24.36
C THR B 200 -19.31 -9.33 -25.10
N ILE B 201 -19.18 -9.45 -26.41
CA ILE B 201 -18.66 -8.34 -27.23
C ILE B 201 -19.76 -7.71 -28.09
N ARG B 202 -21.01 -8.07 -27.80
CA ARG B 202 -22.15 -7.57 -28.56
C ARG B 202 -22.23 -6.04 -28.60
N ASP B 203 -22.05 -5.40 -27.45
CA ASP B 203 -22.07 -3.93 -27.37
C ASP B 203 -20.95 -3.29 -28.23
N LYS B 204 -19.77 -3.88 -28.21
CA LYS B 204 -18.64 -3.35 -28.98
C LYS B 204 -18.95 -3.42 -30.47
N PHE B 205 -19.68 -4.46 -30.87
CA PHE B 205 -20.03 -4.68 -32.29
C PHE B 205 -21.41 -4.18 -32.70
N ALA B 206 -22.11 -3.50 -31.78
CA ALA B 206 -23.49 -3.05 -32.06
C ALA B 206 -23.55 -2.10 -33.27
N ARG B 207 -22.59 -1.17 -33.36
CA ARG B 207 -22.60 -0.22 -34.48
C ARG B 207 -22.45 -0.95 -35.81
N LEU B 208 -21.48 -1.87 -35.88
CA LEU B 208 -21.24 -2.67 -37.10
C LEU B 208 -22.43 -3.55 -37.46
N SER B 209 -23.07 -4.12 -36.44
CA SER B 209 -24.24 -4.96 -36.68
C SER B 209 -25.40 -4.17 -37.29
N GLN B 210 -25.56 -2.94 -36.80
CA GLN B 210 -26.55 -2.01 -37.33
C GLN B 210 -26.20 -1.54 -38.72
N MET B 211 -24.92 -1.30 -38.98
CA MET B 211 -24.51 -1.02 -40.35
C MET B 211 -24.81 -2.19 -41.28
N ALA B 212 -24.56 -3.43 -40.84
CA ALA B 212 -24.88 -4.60 -41.66
C ALA B 212 -26.37 -4.66 -41.99
N THR B 213 -27.21 -4.35 -41.00
CA THR B 213 -28.66 -4.26 -41.26
C THR B 213 -28.98 -3.30 -42.41
N ILE B 214 -28.43 -2.09 -42.33
CA ILE B 214 -28.64 -1.07 -43.39
C ILE B 214 -28.14 -1.54 -44.75
N LEU B 215 -26.95 -2.13 -44.77
CA LEU B 215 -26.33 -2.60 -45.99
C LEU B 215 -27.02 -3.82 -46.63
N ASN B 216 -27.94 -4.45 -45.88
CA ASN B 216 -28.75 -5.56 -46.41
C ASN B 216 -30.20 -5.23 -46.78
N LEU B 217 -30.56 -3.96 -46.67
CA LEU B 217 -31.91 -3.52 -47.05
C LEU B 217 -32.18 -3.75 -48.53
N GLU B 218 -33.42 -4.09 -48.86
CA GLU B 218 -33.79 -4.25 -50.28
C GLU B 218 -33.92 -2.93 -51.02
N ARG B 219 -34.30 -1.87 -50.30
CA ARG B 219 -34.48 -0.53 -50.88
C ARG B 219 -34.35 0.52 -49.79
N VAL B 220 -34.00 1.75 -50.18
CA VAL B 220 -33.75 2.83 -49.19
C VAL B 220 -34.85 2.95 -48.16
N THR B 221 -36.09 2.97 -48.64
CA THR B 221 -37.22 3.31 -47.78
C THR B 221 -37.50 2.24 -46.76
N GLU B 222 -36.94 1.04 -46.99
CA GLU B 222 -37.11 -0.06 -46.05
C GLU B 222 -36.53 0.21 -44.65
N ILE B 223 -35.61 1.16 -44.54
CA ILE B 223 -35.08 1.56 -43.23
C ILE B 223 -36.22 2.03 -42.30
N LEU B 224 -37.27 2.62 -42.88
CA LEU B 224 -38.38 3.14 -42.07
C LEU B 224 -39.14 2.04 -41.33
N ASP B 225 -39.02 0.80 -41.82
CA ASP B 225 -39.58 -0.37 -41.15
C ASP B 225 -38.87 -0.72 -39.83
N TYR B 226 -37.67 -0.17 -39.62
CA TYR B 226 -36.85 -0.49 -38.44
C TYR B 226 -36.56 0.75 -37.61
N TRP B 227 -37.14 1.89 -38.03
CA TRP B 227 -36.74 3.20 -37.52
C TRP B 227 -37.88 3.95 -36.84
N GLY B 228 -37.54 4.75 -35.83
CA GLY B 228 -38.49 5.63 -35.16
C GLY B 228 -39.53 4.88 -34.34
N PRO B 229 -40.83 5.10 -34.63
CA PRO B 229 -41.92 4.35 -34.00
C PRO B 229 -41.81 2.84 -34.22
N ASN B 230 -41.34 2.45 -35.41
CA ASN B 230 -41.17 1.05 -35.79
C ASN B 230 -39.86 0.46 -35.29
N SER B 231 -39.10 1.26 -34.54
CA SER B 231 -37.84 0.84 -33.94
C SER B 231 -38.03 -0.43 -33.12
N GLY B 232 -39.14 -0.49 -32.38
CA GLY B 232 -39.52 -1.65 -31.58
C GLY B 232 -38.45 -2.02 -30.57
N PRO B 233 -37.88 -3.24 -30.69
CA PRO B 233 -36.82 -3.70 -29.80
C PRO B 233 -35.53 -2.89 -29.98
N LEU B 234 -34.97 -2.90 -31.19
CA LEU B 234 -33.63 -2.36 -31.48
C LEU B 234 -33.43 -0.90 -31.09
N THR B 235 -32.40 -0.65 -30.28
CA THR B 235 -32.00 0.72 -29.93
C THR B 235 -30.83 1.16 -30.82
N TRP B 236 -31.12 2.03 -31.78
CA TRP B 236 -30.12 2.45 -32.75
C TRP B 236 -29.00 3.23 -32.09
N ARG B 237 -27.78 2.83 -32.37
CA ARG B 237 -26.58 3.52 -31.89
C ARG B 237 -26.11 4.55 -32.91
N LEU B 238 -26.74 4.58 -34.08
CA LEU B 238 -26.33 5.45 -35.17
C LEU B 238 -27.24 6.69 -35.20
N THR B 239 -26.67 7.87 -35.44
CA THR B 239 -27.44 9.10 -35.66
C THR B 239 -28.10 9.08 -37.04
N PRO B 240 -29.16 9.89 -37.25
CA PRO B 240 -29.70 9.98 -38.63
C PRO B 240 -28.61 10.28 -39.66
N ALA B 241 -27.67 11.17 -39.35
CA ALA B 241 -26.56 11.46 -40.28
C ALA B 241 -25.73 10.21 -40.59
N GLU B 242 -25.46 9.42 -39.56
CA GLU B 242 -24.69 8.19 -39.75
C GLU B 242 -25.49 7.16 -40.56
N VAL B 243 -26.79 7.04 -40.28
CA VAL B 243 -27.65 6.16 -41.08
C VAL B 243 -27.59 6.56 -42.57
N ARG B 244 -27.62 7.87 -42.86
CA ARG B 244 -27.53 8.31 -44.26
C ARG B 244 -26.17 8.02 -44.89
N GLN B 245 -25.10 8.16 -44.10
CA GLN B 245 -23.76 7.86 -44.56
C GLN B 245 -23.65 6.37 -44.95
N VAL B 246 -24.28 5.50 -44.17
CA VAL B 246 -24.18 4.05 -44.43
C VAL B 246 -25.05 3.66 -45.64
N LEU B 247 -26.28 4.18 -45.70
CA LEU B 247 -27.14 3.98 -46.87
C LEU B 247 -26.42 4.38 -48.16
N ALA B 248 -25.65 5.47 -48.11
CA ALA B 248 -24.91 5.94 -49.27
C ALA B 248 -23.82 4.97 -49.77
N LEU B 249 -23.39 4.03 -48.91
CA LEU B 249 -22.36 3.05 -49.33
C LEU B 249 -22.94 2.06 -50.33
N ARG B 250 -24.26 1.94 -50.34
CA ARG B 250 -24.95 1.11 -51.33
C ARG B 250 -25.02 1.88 -52.64
N ILE B 251 -24.28 1.39 -53.62
CA ILE B 251 -24.16 2.06 -54.93
C ILE B 251 -25.50 2.14 -55.68
N ASP B 252 -26.44 1.26 -55.32
CA ASP B 252 -27.76 1.21 -55.91
C ASP B 252 -28.82 2.08 -55.17
N PHE B 253 -28.38 2.75 -54.11
CA PHE B 253 -29.26 3.62 -53.32
C PHE B 253 -28.98 5.08 -53.74
N ARG B 254 -30.01 5.72 -54.26
CA ARG B 254 -29.87 7.06 -54.84
C ARG B 254 -29.67 8.15 -53.78
N SER B 255 -28.61 8.93 -53.94
CA SER B 255 -28.30 10.04 -53.06
C SER B 255 -29.53 10.91 -52.73
N GLU B 256 -30.28 11.32 -53.76
CA GLU B 256 -31.46 12.18 -53.58
C GLU B 256 -32.48 11.54 -52.65
N ASP B 257 -32.67 10.24 -52.81
CA ASP B 257 -33.66 9.52 -52.01
C ASP B 257 -33.21 9.43 -50.56
N ILE B 258 -31.92 9.16 -50.36
CA ILE B 258 -31.34 9.10 -49.01
C ILE B 258 -31.49 10.44 -48.28
N LYS B 259 -31.21 11.54 -48.99
CA LYS B 259 -31.28 12.86 -48.37
C LYS B 259 -32.70 13.24 -47.95
N ARG B 260 -33.68 12.78 -48.72
CA ARG B 260 -35.08 13.13 -48.49
C ARG B 260 -35.80 12.21 -47.52
N LEU B 261 -35.13 11.16 -47.09
CA LEU B 261 -35.72 10.20 -46.18
C LEU B 261 -36.07 10.90 -44.86
N ARG B 262 -37.27 10.67 -44.35
CA ARG B 262 -37.66 11.29 -43.09
C ARG B 262 -37.24 10.47 -41.86
N LEU B 263 -36.09 10.81 -41.29
CA LEU B 263 -35.51 10.09 -40.15
C LEU B 263 -35.58 10.94 -38.88
#